data_7PWR
#
_entry.id   7PWR
#
_cell.length_a   45.370
_cell.length_b   69.060
_cell.length_c   160.260
_cell.angle_alpha   90.000
_cell.angle_beta   90.000
_cell.angle_gamma   90.000
#
_symmetry.space_group_name_H-M   'P 21 21 21'
#
loop_
_entity.id
_entity.type
_entity.pdbx_description
1 polymer 'Protein mono-ADP-ribosyltransferase PARP15'
2 non-polymer 6-(cyclopentylmethoxy)phthalazine-1,4-dione
3 non-polymer (4S)-2-METHYL-2,4-PENTANEDIOL
4 water water
#
_entity_poly.entity_id   1
_entity_poly.type   'polypeptide(L)'
_entity_poly.pdbx_seq_one_letter_code
;MHHHHHHSSGVDLGTENLYFQSMNLPEHWTDMNHQLFCMVQLEPGQSEYNTIKDKFTRTCSSYAIEKIERIQNAFLWQSY
QVKKRQMDIKNDHKNNERLLFHGTDADSVPYVNQHGFNRSCAGKNAVSYGKGTYFAVDASYSAKDTYSKPDSNGRKHMYV
VRVLTGVFTKGRAGLVTPPPKNPHNPTDLFDSVTNNTRSPKLFVVFFDNQAYPEYLITFTA
;
_entity_poly.pdbx_strand_id   A,B
#
# COMPACT_ATOMS: atom_id res chain seq x y z
N ASN A 24 17.98 5.95 7.44
CA ASN A 24 18.04 6.10 8.93
C ASN A 24 17.87 4.72 9.58
N LEU A 25 18.78 3.78 9.27
CA LEU A 25 18.59 2.33 9.53
C LEU A 25 18.96 1.99 10.97
N PRO A 26 18.26 1.01 11.60
CA PRO A 26 18.42 0.73 13.02
C PRO A 26 19.85 0.32 13.42
N GLU A 27 20.28 0.70 14.62
CA GLU A 27 21.66 0.46 15.14
C GLU A 27 21.96 -1.05 15.14
N HIS A 28 20.97 -1.92 15.44
CA HIS A 28 21.21 -3.37 15.63
C HIS A 28 21.32 -4.09 14.28
N TRP A 29 20.99 -3.44 13.17
CA TRP A 29 21.25 -4.03 11.84
C TRP A 29 22.76 -4.16 11.67
N THR A 30 23.18 -5.13 10.88
CA THR A 30 24.60 -5.30 10.54
C THR A 30 24.82 -4.66 9.16
N ASP A 31 26.05 -4.23 8.93
CA ASP A 31 26.45 -3.48 7.70
C ASP A 31 26.07 -4.30 6.48
N MET A 32 25.59 -3.63 5.42
CA MET A 32 25.09 -4.34 4.22
C MET A 32 25.93 -3.98 2.98
N ASN A 33 27.15 -3.49 3.19
CA ASN A 33 28.11 -3.24 2.07
C ASN A 33 27.37 -2.52 0.97
N HIS A 34 26.64 -1.45 1.31
CA HIS A 34 25.98 -0.52 0.35
C HIS A 34 24.86 -1.22 -0.42
N GLN A 35 24.35 -2.36 0.05
CA GLN A 35 23.11 -2.95 -0.51
C GLN A 35 21.93 -2.56 0.35
N LEU A 36 20.73 -2.79 -0.18
CA LEU A 36 19.46 -2.32 0.44
C LEU A 36 18.63 -3.49 1.00
N PHE A 37 19.03 -4.73 0.76
CA PHE A 37 18.31 -5.95 1.25
C PHE A 37 19.31 -7.05 1.64
N CYS A 38 19.14 -7.57 2.84
CA CYS A 38 19.92 -8.72 3.36
C CYS A 38 19.08 -9.48 4.38
N MET A 39 19.09 -10.81 4.29
CA MET A 39 18.61 -11.74 5.36
C MET A 39 19.84 -12.13 6.19
N VAL A 40 19.86 -11.79 7.49
CA VAL A 40 21.03 -12.02 8.39
C VAL A 40 20.70 -13.11 9.41
N GLN A 41 21.36 -14.26 9.31
CA GLN A 41 21.13 -15.33 10.30
C GLN A 41 21.66 -14.85 11.66
N LEU A 42 20.83 -14.99 12.71
CA LEU A 42 21.23 -14.58 14.09
C LEU A 42 22.07 -15.68 14.71
N GLU A 43 23.01 -15.25 15.55
CA GLU A 43 23.93 -16.08 16.35
C GLU A 43 23.16 -16.61 17.55
N PRO A 44 22.97 -17.94 17.69
CA PRO A 44 22.32 -18.51 18.89
C PRO A 44 23.06 -18.10 20.17
N GLY A 45 22.31 -17.77 21.23
CA GLY A 45 22.87 -17.43 22.56
C GLY A 45 23.19 -15.95 22.73
N GLN A 46 23.11 -15.13 21.68
CA GLN A 46 23.23 -13.67 21.87
C GLN A 46 21.87 -13.05 22.13
N SER A 47 21.93 -11.85 22.69
CA SER A 47 20.81 -11.07 23.28
C SER A 47 19.62 -11.10 22.30
N GLU A 48 19.87 -10.71 21.06
CA GLU A 48 18.80 -10.57 20.05
C GLU A 48 18.11 -11.91 19.77
N TYR A 49 18.89 -12.93 19.41
CA TYR A 49 18.37 -14.30 19.15
C TYR A 49 17.56 -14.76 20.38
N ASN A 50 18.13 -14.59 21.57
CA ASN A 50 17.46 -15.05 22.81
C ASN A 50 16.09 -14.37 22.98
N THR A 51 16.03 -13.07 22.73
CA THR A 51 14.80 -12.27 22.89
C THR A 51 13.74 -12.80 21.93
N ILE A 52 14.10 -13.00 20.67
CA ILE A 52 13.10 -13.44 19.67
C ILE A 52 12.69 -14.89 19.95
N LYS A 53 13.66 -15.75 20.28
CA LYS A 53 13.35 -17.16 20.57
C LYS A 53 12.37 -17.20 21.75
N ASP A 54 12.57 -16.36 22.76
CA ASP A 54 11.71 -16.40 23.98
C ASP A 54 10.27 -16.02 23.60
N LYS A 55 10.08 -15.07 22.66
CA LYS A 55 8.72 -14.63 22.25
C LYS A 55 7.99 -15.81 21.60
N PHE A 56 8.72 -16.63 20.87
CA PHE A 56 8.18 -17.83 20.17
C PHE A 56 7.92 -18.94 21.18
N THR A 57 8.92 -19.28 21.99
CA THR A 57 8.81 -20.41 22.95
C THR A 57 7.79 -20.14 24.05
N ARG A 58 7.42 -18.89 24.29
CA ARG A 58 6.30 -18.54 25.21
CA ARG A 58 6.34 -18.61 25.29
C ARG A 58 5.12 -19.49 24.95
N THR A 59 4.82 -19.74 23.67
CA THR A 59 3.66 -20.60 23.29
C THR A 59 4.02 -21.79 22.40
N CYS A 60 5.26 -21.88 21.88
CA CYS A 60 5.68 -22.95 20.94
C CYS A 60 6.92 -23.67 21.46
N SER A 61 6.99 -23.97 22.76
CA SER A 61 8.17 -24.65 23.33
C SER A 61 8.31 -26.09 22.83
N SER A 62 7.25 -26.71 22.26
CA SER A 62 7.34 -28.12 21.79
C SER A 62 7.90 -28.17 20.35
N TYR A 63 8.18 -27.03 19.74
CA TYR A 63 8.72 -26.99 18.35
C TYR A 63 10.26 -27.07 18.41
N ALA A 64 10.87 -27.21 17.25
CA ALA A 64 12.33 -27.24 17.07
C ALA A 64 12.71 -26.08 16.15
N ILE A 65 13.49 -25.13 16.66
CA ILE A 65 13.96 -23.95 15.88
C ILE A 65 15.21 -24.35 15.09
N GLU A 66 15.14 -24.20 13.76
CA GLU A 66 16.31 -24.43 12.88
C GLU A 66 17.16 -23.15 12.84
N LYS A 67 16.55 -21.99 12.64
CA LYS A 67 17.29 -20.72 12.60
C LYS A 67 16.32 -19.55 12.72
N ILE A 68 16.89 -18.42 13.08
CA ILE A 68 16.19 -17.11 13.11
C ILE A 68 17.02 -16.17 12.25
N GLU A 69 16.35 -15.46 11.33
CA GLU A 69 16.99 -14.49 10.42
C GLU A 69 16.39 -13.12 10.67
N ARG A 70 17.24 -12.10 10.71
CA ARG A 70 16.84 -10.68 10.76
C ARG A 70 16.62 -10.22 9.31
N ILE A 71 15.45 -9.65 9.04
CA ILE A 71 15.13 -9.09 7.70
C ILE A 71 15.58 -7.62 7.66
N GLN A 72 16.57 -7.34 6.84
CA GLN A 72 17.10 -5.96 6.64
C GLN A 72 16.66 -5.51 5.26
N ASN A 73 15.49 -4.89 5.18
CA ASN A 73 14.91 -4.41 3.91
C ASN A 73 14.75 -2.90 4.06
N ALA A 74 15.71 -2.14 3.53
CA ALA A 74 15.80 -0.69 3.72
C ALA A 74 14.53 0.00 3.22
N PHE A 75 14.03 -0.39 2.04
CA PHE A 75 12.86 0.29 1.43
C PHE A 75 11.60 0.00 2.24
N LEU A 76 11.36 -1.26 2.62
CA LEU A 76 10.18 -1.62 3.44
C LEU A 76 10.26 -0.87 4.77
N TRP A 77 11.45 -0.81 5.37
CA TRP A 77 11.63 -0.12 6.67
C TRP A 77 11.28 1.37 6.50
N GLN A 78 11.80 2.02 5.45
CA GLN A 78 11.56 3.47 5.20
CA GLN A 78 11.56 3.47 5.27
C GLN A 78 10.04 3.71 5.12
N SER A 79 9.35 2.92 4.29
CA SER A 79 7.90 3.09 4.07
C SER A 79 7.13 2.87 5.37
N TYR A 80 7.51 1.85 6.13
CA TYR A 80 6.90 1.57 7.44
C TYR A 80 7.12 2.74 8.42
N GLN A 81 8.36 3.23 8.54
CA GLN A 81 8.69 4.30 9.51
C GLN A 81 7.93 5.59 9.18
N VAL A 82 7.74 5.87 7.90
CA VAL A 82 6.91 7.03 7.48
C VAL A 82 5.47 6.83 7.97
N LYS A 83 4.88 5.67 7.77
CA LYS A 83 3.50 5.39 8.26
CA LYS A 83 3.51 5.34 8.26
C LYS A 83 3.49 5.47 9.79
N LYS A 84 4.51 4.99 10.46
CA LYS A 84 4.51 5.05 11.95
C LYS A 84 4.52 6.52 12.37
N ARG A 85 5.36 7.35 11.74
CA ARG A 85 5.44 8.79 12.14
C ARG A 85 4.07 9.44 11.90
N GLN A 86 3.42 9.15 10.78
CA GLN A 86 2.08 9.67 10.45
C GLN A 86 1.05 9.22 11.50
N MET A 87 1.05 7.94 11.86
CA MET A 87 0.07 7.38 12.81
C MET A 87 0.32 7.99 14.20
N ASP A 88 1.58 8.24 14.58
CA ASP A 88 1.93 8.88 15.87
C ASP A 88 1.35 10.30 15.91
N ILE A 89 1.43 11.05 14.81
CA ILE A 89 0.86 12.42 14.68
C ILE A 89 -0.67 12.35 14.77
N LYS A 90 -1.28 11.49 13.95
CA LYS A 90 -2.75 11.39 13.81
C LYS A 90 -3.35 11.04 15.17
N ASN A 91 -2.72 10.13 15.91
CA ASN A 91 -3.27 9.54 17.15
C ASN A 91 -2.77 10.32 18.37
N ASP A 92 -1.81 11.22 18.17
CA ASP A 92 -1.28 12.13 19.22
C ASP A 92 -0.67 11.32 20.37
N HIS A 93 -0.10 10.15 20.09
CA HIS A 93 0.63 9.30 21.05
C HIS A 93 1.51 8.34 20.26
N LYS A 94 2.44 7.66 20.93
CA LYS A 94 3.44 6.75 20.30
C LYS A 94 3.22 5.30 20.76
N ASN A 95 2.00 4.93 21.10
CA ASN A 95 1.68 3.53 21.47
C ASN A 95 0.94 2.85 20.31
N ASN A 96 1.42 2.97 19.07
CA ASN A 96 0.63 2.47 17.92
C ASN A 96 1.15 1.12 17.39
N GLU A 97 2.27 0.63 17.90
CA GLU A 97 2.98 -0.55 17.36
C GLU A 97 2.88 -1.77 18.30
N ARG A 98 2.70 -2.95 17.74
CA ARG A 98 2.69 -4.25 18.46
CA ARG A 98 2.69 -4.25 18.46
C ARG A 98 3.59 -5.25 17.72
N LEU A 99 4.18 -6.18 18.44
CA LEU A 99 4.96 -7.26 17.82
C LEU A 99 4.05 -8.49 17.73
N LEU A 100 3.78 -8.95 16.52
CA LEU A 100 2.84 -10.05 16.23
C LEU A 100 3.50 -11.10 15.34
N PHE A 101 2.80 -12.19 15.10
CA PHE A 101 3.30 -13.36 14.36
C PHE A 101 2.48 -13.55 13.10
N HIS A 102 3.14 -14.04 12.07
CA HIS A 102 2.47 -14.41 10.81
C HIS A 102 3.12 -15.65 10.22
N GLY A 103 2.37 -16.76 10.18
CA GLY A 103 2.78 -18.01 9.54
C GLY A 103 2.45 -17.95 8.06
N THR A 104 3.35 -18.45 7.23
CA THR A 104 3.08 -18.52 5.78
C THR A 104 3.74 -19.77 5.18
N ASP A 105 3.43 -20.04 3.92
CA ASP A 105 4.02 -21.18 3.19
C ASP A 105 5.40 -20.75 2.66
N ALA A 106 6.27 -21.72 2.40
CA ALA A 106 7.65 -21.49 1.93
C ALA A 106 7.63 -20.69 0.62
N ASP A 107 6.64 -20.91 -0.25
CA ASP A 107 6.63 -20.23 -1.57
C ASP A 107 6.31 -18.73 -1.43
N SER A 108 5.73 -18.28 -0.32
CA SER A 108 5.43 -16.84 -0.06
C SER A 108 6.61 -16.13 0.61
N VAL A 109 7.57 -16.88 1.17
CA VAL A 109 8.66 -16.26 1.99
C VAL A 109 9.49 -15.27 1.15
N PRO A 110 9.97 -15.61 -0.07
CA PRO A 110 10.76 -14.62 -0.81
C PRO A 110 10.00 -13.31 -1.09
N TYR A 111 8.71 -13.41 -1.38
CA TYR A 111 7.86 -12.23 -1.63
C TYR A 111 7.77 -11.38 -0.38
N VAL A 112 7.46 -11.99 0.77
CA VAL A 112 7.28 -11.20 2.02
C VAL A 112 8.62 -10.53 2.36
N ASN A 113 9.72 -11.25 2.23
CA ASN A 113 11.05 -10.69 2.55
C ASN A 113 11.30 -9.40 1.75
N GLN A 114 10.97 -9.43 0.46
CA GLN A 114 11.25 -8.32 -0.47
C GLN A 114 10.16 -7.24 -0.42
N HIS A 115 8.89 -7.64 -0.37
CA HIS A 115 7.74 -6.74 -0.62
C HIS A 115 6.84 -6.56 0.60
N GLY A 116 7.08 -7.30 1.67
CA GLY A 116 6.15 -7.29 2.82
C GLY A 116 4.83 -7.99 2.54
N PHE A 117 3.79 -7.55 3.23
CA PHE A 117 2.49 -8.23 3.26
C PHE A 117 1.53 -7.60 2.25
N ASN A 118 0.72 -8.42 1.59
CA ASN A 118 -0.15 -7.95 0.49
C ASN A 118 -1.53 -8.55 0.68
N ARG A 119 -2.51 -7.71 1.00
CA ARG A 119 -3.89 -8.18 1.24
C ARG A 119 -4.45 -8.83 -0.02
N SER A 120 -3.91 -8.50 -1.20
CA SER A 120 -4.43 -9.04 -2.47
C SER A 120 -3.99 -10.50 -2.68
N CYS A 121 -3.13 -11.05 -1.80
CA CYS A 121 -2.60 -12.45 -1.86
C CYS A 121 -3.19 -13.34 -0.74
N ALA A 122 -4.52 -13.33 -0.57
CA ALA A 122 -5.24 -14.14 0.45
C ALA A 122 -5.35 -15.58 -0.05
N ASN A 125 -7.32 -19.31 2.86
CA ASN A 125 -7.59 -19.23 4.33
C ASN A 125 -8.74 -18.25 4.59
N ALA A 126 -9.42 -18.44 5.72
CA ALA A 126 -10.58 -17.63 6.16
C ALA A 126 -10.16 -16.17 6.42
N VAL A 127 -11.06 -15.23 6.07
CA VAL A 127 -10.88 -13.77 6.28
C VAL A 127 -12.14 -13.19 6.95
N SER A 128 -12.59 -13.83 8.03
CA SER A 128 -13.83 -13.55 8.80
C SER A 128 -13.86 -12.15 9.38
N TYR A 129 -12.71 -11.50 9.59
CA TYR A 129 -12.66 -10.16 10.22
C TYR A 129 -12.30 -9.10 9.19
N GLY A 130 -12.26 -9.48 7.91
CA GLY A 130 -12.00 -8.52 6.83
C GLY A 130 -10.92 -8.98 5.87
N LYS A 131 -10.90 -8.36 4.71
CA LYS A 131 -9.98 -8.67 3.60
C LYS A 131 -8.68 -7.88 3.79
N GLY A 132 -7.93 -8.24 4.82
CA GLY A 132 -6.63 -7.66 5.11
C GLY A 132 -5.59 -8.74 5.35
N THR A 133 -4.46 -8.33 5.92
CA THR A 133 -3.42 -9.29 6.36
C THR A 133 -3.62 -9.53 7.85
N TYR A 134 -3.56 -10.79 8.26
CA TYR A 134 -3.83 -11.26 9.64
C TYR A 134 -2.50 -11.47 10.37
N PHE A 135 -2.47 -11.07 11.63
CA PHE A 135 -1.31 -11.25 12.53
C PHE A 135 -1.83 -11.78 13.87
N ALA A 136 -1.18 -12.78 14.42
CA ALA A 136 -1.58 -13.41 15.68
C ALA A 136 -0.79 -12.82 16.84
N VAL A 137 -1.45 -12.74 17.98
CA VAL A 137 -0.80 -12.37 19.27
C VAL A 137 0.12 -13.52 19.73
N ASP A 138 -0.33 -14.77 19.56
CA ASP A 138 0.40 -15.97 20.03
C ASP A 138 1.07 -16.71 18.86
N ALA A 139 2.34 -17.05 18.99
CA ALA A 139 3.02 -17.84 17.92
C ALA A 139 2.28 -19.16 17.69
N SER A 140 1.72 -19.77 18.73
CA SER A 140 0.99 -21.07 18.65
C SER A 140 -0.12 -21.00 17.59
N TYR A 141 -0.77 -19.85 17.44
CA TYR A 141 -1.88 -19.70 16.46
C TYR A 141 -1.29 -19.73 15.03
N SER A 142 -0.23 -18.97 14.82
CA SER A 142 0.49 -18.88 13.52
C SER A 142 1.18 -20.21 13.19
N ALA A 143 1.45 -21.05 14.19
CA ALA A 143 2.16 -22.34 14.01
C ALA A 143 1.23 -23.42 13.45
N LYS A 144 -0.07 -23.16 13.35
CA LYS A 144 -1.01 -24.09 12.71
C LYS A 144 -0.54 -24.36 11.28
N ASP A 145 -0.64 -25.62 10.83
CA ASP A 145 -0.23 -26.06 9.47
C ASP A 145 -1.03 -25.29 8.40
N THR A 146 -2.25 -24.81 8.67
CA THR A 146 -3.02 -24.04 7.65
C THR A 146 -2.33 -22.70 7.34
N TYR A 147 -1.48 -22.19 8.24
CA TYR A 147 -0.78 -20.90 8.09
C TYR A 147 0.68 -21.13 7.75
N SER A 148 1.45 -21.67 8.68
CA SER A 148 2.87 -22.04 8.47
C SER A 148 2.93 -23.44 7.85
N LYS A 149 2.46 -23.56 6.59
CA LYS A 149 2.35 -24.86 5.87
CA LYS A 149 2.35 -24.87 5.89
C LYS A 149 3.72 -25.53 5.84
N PRO A 150 3.85 -26.78 6.31
CA PRO A 150 5.12 -27.49 6.21
C PRO A 150 5.47 -27.78 4.75
N ASP A 151 6.73 -27.53 4.37
CA ASP A 151 7.22 -27.72 3.00
C ASP A 151 7.61 -29.18 2.84
N SER A 152 8.10 -29.56 1.65
CA SER A 152 8.39 -30.97 1.26
C SER A 152 9.41 -31.59 2.23
N ASN A 153 10.10 -30.80 3.03
CA ASN A 153 11.13 -31.28 4.01
C ASN A 153 10.64 -31.14 5.46
N GLY A 154 9.39 -30.70 5.70
CA GLY A 154 8.81 -30.59 7.05
C GLY A 154 9.02 -29.23 7.68
N ARG A 155 9.71 -28.33 7.00
CA ARG A 155 10.06 -27.00 7.57
C ARG A 155 8.84 -26.08 7.50
N LYS A 156 8.63 -25.35 8.58
CA LYS A 156 7.55 -24.34 8.76
C LYS A 156 8.20 -22.96 8.92
N HIS A 157 7.47 -21.90 8.56
CA HIS A 157 8.02 -20.52 8.49
C HIS A 157 7.06 -19.56 9.17
N MET A 158 7.58 -18.73 10.05
CA MET A 158 6.76 -17.74 10.79
C MET A 158 7.57 -16.45 10.91
N TYR A 159 6.93 -15.34 10.61
CA TYR A 159 7.52 -14.01 10.80
C TYR A 159 7.12 -13.48 12.17
N VAL A 160 8.05 -12.72 12.74
CA VAL A 160 7.84 -11.79 13.87
C VAL A 160 7.77 -10.41 13.22
N VAL A 161 6.65 -9.73 13.42
CA VAL A 161 6.25 -8.58 12.60
C VAL A 161 5.97 -7.38 13.50
N ARG A 162 6.53 -6.23 13.16
CA ARG A 162 6.13 -4.93 13.73
CA ARG A 162 6.13 -4.93 13.73
C ARG A 162 4.85 -4.50 13.02
N VAL A 163 3.76 -4.33 13.76
CA VAL A 163 2.44 -3.99 13.19
C VAL A 163 1.93 -2.69 13.79
N LEU A 164 1.50 -1.78 12.93
CA LEU A 164 0.90 -0.50 13.37
C LEU A 164 -0.59 -0.76 13.61
N THR A 165 -0.92 -1.32 14.78
CA THR A 165 -2.32 -1.64 15.13
C THR A 165 -3.09 -0.35 15.50
N GLY A 166 -2.42 0.66 16.02
CA GLY A 166 -3.01 1.95 16.38
C GLY A 166 -4.27 1.80 17.20
N VAL A 167 -5.30 2.52 16.82
CA VAL A 167 -6.64 2.45 17.47
C VAL A 167 -7.45 1.40 16.71
N PHE A 168 -8.02 0.43 17.42
CA PHE A 168 -8.65 -0.73 16.73
C PHE A 168 -10.07 -0.93 17.24
N THR A 169 -10.83 -1.67 16.44
CA THR A 169 -12.22 -2.03 16.71
C THR A 169 -12.44 -3.47 16.27
N LYS A 170 -13.58 -4.03 16.62
CA LYS A 170 -13.91 -5.39 16.18
C LYS A 170 -14.13 -5.38 14.66
N GLY A 171 -13.56 -6.37 14.00
CA GLY A 171 -13.76 -6.55 12.55
C GLY A 171 -15.00 -7.37 12.24
N ARG A 172 -15.24 -7.59 10.97
CA ARG A 172 -16.38 -8.40 10.47
CA ARG A 172 -16.38 -8.40 10.47
C ARG A 172 -16.11 -8.76 9.02
N ALA A 173 -16.81 -9.76 8.52
CA ALA A 173 -16.59 -10.30 7.18
C ALA A 173 -16.83 -9.19 6.15
N GLY A 174 -15.96 -9.12 5.17
CA GLY A 174 -16.19 -8.29 3.97
C GLY A 174 -15.63 -6.88 4.09
N LEU A 175 -15.10 -6.46 5.23
CA LEU A 175 -14.38 -5.14 5.29
C LEU A 175 -13.25 -5.12 4.26
N VAL A 176 -13.11 -4.02 3.54
CA VAL A 176 -11.92 -3.75 2.68
C VAL A 176 -11.00 -2.71 3.33
N THR A 177 -11.50 -1.94 4.31
CA THR A 177 -10.72 -1.01 5.17
C THR A 177 -11.28 -1.13 6.57
N PRO A 178 -10.60 -0.62 7.62
CA PRO A 178 -11.23 -0.56 8.92
C PRO A 178 -12.45 0.35 8.83
N PRO A 179 -13.41 0.17 9.75
CA PRO A 179 -14.57 1.06 9.83
C PRO A 179 -14.21 2.47 10.25
N PRO A 180 -15.07 3.47 10.00
CA PRO A 180 -14.86 4.81 10.55
C PRO A 180 -15.06 4.80 12.06
N LYS A 181 -14.38 5.71 12.75
CA LYS A 181 -14.52 5.90 14.22
C LYS A 181 -15.88 6.53 14.54
N ASN A 182 -16.44 7.30 13.61
CA ASN A 182 -17.78 7.93 13.73
C ASN A 182 -18.37 8.00 12.33
N PRO A 183 -19.54 7.38 12.05
CA PRO A 183 -20.17 7.49 10.73
C PRO A 183 -20.43 8.94 10.26
N HIS A 184 -20.38 9.93 11.17
CA HIS A 184 -20.49 11.39 10.82
C HIS A 184 -19.25 11.86 10.05
N ASN A 185 -18.08 11.23 10.26
CA ASN A 185 -16.84 11.43 9.45
C ASN A 185 -16.40 10.10 8.85
N PRO A 186 -17.01 9.71 7.70
CA PRO A 186 -16.75 8.40 7.08
C PRO A 186 -15.28 8.13 6.73
N THR A 187 -14.43 9.15 6.58
CA THR A 187 -13.02 8.93 6.13
C THR A 187 -12.01 8.94 7.30
N ASP A 188 -12.45 9.13 8.55
CA ASP A 188 -11.54 9.09 9.73
C ASP A 188 -11.61 7.68 10.30
N LEU A 189 -10.68 6.80 9.91
CA LEU A 189 -10.84 5.33 10.11
C LEU A 189 -10.10 4.88 11.36
N PHE A 190 -10.54 3.77 11.94
CA PHE A 190 -9.70 2.94 12.83
C PHE A 190 -8.46 2.51 12.05
N ASP A 191 -7.38 2.21 12.76
CA ASP A 191 -6.08 1.83 12.14
C ASP A 191 -6.07 0.35 11.79
N SER A 192 -6.80 -0.47 12.56
CA SER A 192 -6.82 -1.93 12.38
C SER A 192 -8.10 -2.50 13.00
N VAL A 193 -8.36 -3.78 12.75
CA VAL A 193 -9.47 -4.45 13.44
C VAL A 193 -8.94 -5.70 14.13
N THR A 194 -9.75 -6.21 15.06
CA THR A 194 -9.39 -7.39 15.87
C THR A 194 -10.60 -8.33 16.01
N ASN A 195 -10.38 -9.49 16.60
CA ASN A 195 -11.47 -10.45 16.90
C ASN A 195 -12.20 -10.00 18.17
N ASN A 196 -11.53 -9.30 19.07
CA ASN A 196 -12.04 -9.02 20.43
C ASN A 196 -11.26 -7.84 21.00
N THR A 197 -11.93 -6.70 21.22
CA THR A 197 -11.25 -5.43 21.61
C THR A 197 -10.72 -5.54 23.04
N ARG A 198 -11.38 -6.30 23.92
CA ARG A 198 -11.00 -6.38 25.35
C ARG A 198 -9.77 -7.30 25.49
N SER A 199 -9.74 -8.40 24.75
CA SER A 199 -8.66 -9.42 24.83
C SER A 199 -8.34 -9.86 23.41
N PRO A 200 -7.63 -9.04 22.62
CA PRO A 200 -7.34 -9.40 21.25
C PRO A 200 -6.39 -10.61 21.10
N LYS A 201 -6.67 -11.47 20.12
CA LYS A 201 -5.75 -12.59 19.78
C LYS A 201 -5.25 -12.45 18.33
N LEU A 202 -5.87 -11.60 17.56
CA LEU A 202 -5.41 -11.33 16.17
C LEU A 202 -5.74 -9.90 15.78
N PHE A 203 -4.99 -9.41 14.80
CA PHE A 203 -5.18 -8.06 14.25
C PHE A 203 -5.15 -8.19 12.74
N VAL A 204 -5.91 -7.34 12.10
CA VAL A 204 -5.96 -7.26 10.61
C VAL A 204 -5.60 -5.84 10.20
N VAL A 205 -4.68 -5.69 9.25
CA VAL A 205 -4.36 -4.35 8.67
C VAL A 205 -4.66 -4.43 7.17
N PHE A 206 -5.00 -3.28 6.61
CA PHE A 206 -5.63 -3.22 5.27
C PHE A 206 -4.81 -2.38 4.31
N PHE A 207 -3.63 -1.93 4.73
CA PHE A 207 -2.79 -1.02 3.91
C PHE A 207 -1.36 -1.51 3.89
N ASP A 208 -0.72 -1.31 2.74
CA ASP A 208 0.69 -1.68 2.52
C ASP A 208 1.50 -0.88 3.55
N ASN A 209 2.58 -1.44 4.04
CA ASN A 209 3.56 -0.63 4.81
C ASN A 209 2.96 -0.29 6.20
N GLN A 210 1.92 -0.99 6.64
CA GLN A 210 1.49 -0.99 8.07
C GLN A 210 2.12 -2.12 8.86
N ALA A 211 2.90 -2.98 8.22
CA ALA A 211 3.54 -4.14 8.88
C ALA A 211 4.94 -4.30 8.31
N TYR A 212 5.92 -4.46 9.19
CA TYR A 212 7.34 -4.68 8.79
C TYR A 212 7.75 -6.06 9.25
N PRO A 213 8.08 -7.00 8.33
CA PRO A 213 8.53 -8.33 8.72
C PRO A 213 9.96 -8.21 9.28
N GLU A 214 10.14 -8.43 10.57
CA GLU A 214 11.41 -8.10 11.25
C GLU A 214 12.30 -9.34 11.37
N TYR A 215 11.72 -10.49 11.68
CA TYR A 215 12.46 -11.78 11.84
C TYR A 215 11.67 -12.89 11.16
N LEU A 216 12.40 -13.85 10.61
CA LEU A 216 11.84 -15.08 10.04
C LEU A 216 12.36 -16.25 10.86
N ILE A 217 11.43 -17.01 11.47
CA ILE A 217 11.78 -18.24 12.21
C ILE A 217 11.50 -19.44 11.32
N THR A 218 12.50 -20.28 11.12
CA THR A 218 12.36 -21.57 10.43
C THR A 218 12.36 -22.65 11.52
N PHE A 219 11.35 -23.51 11.53
CA PHE A 219 11.12 -24.46 12.64
C PHE A 219 10.40 -25.72 12.16
N THR A 220 10.36 -26.73 13.02
CA THR A 220 9.69 -28.02 12.74
C THR A 220 8.83 -28.39 13.94
N ALA A 221 7.82 -29.21 13.73
CA ALA A 221 6.98 -29.77 14.81
C ALA A 221 7.77 -30.82 15.59
N LEU B 25 7.15 19.71 2.41
CA LEU B 25 6.00 19.89 1.44
C LEU B 25 6.41 20.87 0.34
N PRO B 26 5.82 20.80 -0.87
CA PRO B 26 6.22 21.71 -1.95
C PRO B 26 5.99 23.18 -1.58
N GLU B 27 6.93 24.07 -1.91
CA GLU B 27 6.92 25.48 -1.43
C GLU B 27 5.80 26.31 -2.08
N HIS B 28 5.21 25.85 -3.19
CA HIS B 28 4.11 26.57 -3.89
C HIS B 28 2.75 26.21 -3.26
N TRP B 29 2.69 25.22 -2.37
CA TRP B 29 1.41 24.89 -1.70
C TRP B 29 0.96 26.06 -0.84
N THR B 30 -0.34 26.23 -0.65
CA THR B 30 -0.86 27.20 0.34
C THR B 30 -0.47 26.72 1.74
N ASP B 31 -0.22 27.68 2.65
CA ASP B 31 0.00 27.45 4.09
C ASP B 31 -1.29 26.84 4.61
N MET B 32 -1.18 25.64 5.16
CA MET B 32 -2.34 24.91 5.72
C MET B 32 -2.41 25.14 7.23
N ASN B 33 -1.47 25.89 7.79
CA ASN B 33 -1.46 26.31 9.22
C ASN B 33 -1.65 25.06 10.08
N HIS B 34 -0.66 24.16 10.05
CA HIS B 34 -0.54 22.93 10.90
C HIS B 34 -1.51 21.84 10.42
N GLN B 35 -2.50 22.16 9.59
CA GLN B 35 -3.46 21.17 9.02
C GLN B 35 -2.71 20.31 7.99
N LEU B 36 -3.19 19.09 7.78
CA LEU B 36 -2.50 18.06 6.95
C LEU B 36 -3.18 17.93 5.59
N PHE B 37 -4.28 18.63 5.38
CA PHE B 37 -5.10 18.41 4.17
C PHE B 37 -5.84 19.70 3.81
N CYS B 38 -5.84 20.02 2.51
CA CYS B 38 -6.56 21.20 1.98
C CYS B 38 -6.83 20.96 0.49
N MET B 39 -8.01 21.35 0.01
CA MET B 39 -8.30 21.45 -1.43
C MET B 39 -8.23 22.94 -1.81
N VAL B 40 -7.42 23.29 -2.82
CA VAL B 40 -7.20 24.70 -3.23
C VAL B 40 -7.78 24.94 -4.63
N GLN B 41 -8.76 25.82 -4.71
CA GLN B 41 -9.41 26.18 -5.98
C GLN B 41 -8.43 27.02 -6.81
N LEU B 42 -8.17 26.59 -8.04
CA LEU B 42 -7.26 27.30 -8.95
C LEU B 42 -8.00 28.38 -9.74
N GLU B 43 -7.26 29.38 -10.17
CA GLU B 43 -7.78 30.54 -10.95
C GLU B 43 -7.49 30.33 -12.42
N PRO B 44 -8.52 30.39 -13.29
CA PRO B 44 -8.30 30.39 -14.74
C PRO B 44 -7.35 31.53 -15.12
N GLY B 45 -6.47 31.25 -16.05
CA GLY B 45 -5.47 32.26 -16.49
C GLY B 45 -4.14 32.05 -15.81
N GLN B 46 -4.11 31.43 -14.63
CA GLN B 46 -2.82 30.98 -14.05
C GLN B 46 -2.28 29.82 -14.90
N SER B 47 -0.96 29.73 -15.03
CA SER B 47 -0.32 28.63 -15.79
C SER B 47 -0.77 27.27 -15.22
N GLU B 48 -0.88 27.16 -13.90
CA GLU B 48 -1.20 25.87 -13.24
C GLU B 48 -2.59 25.39 -13.69
N TYR B 49 -3.57 26.30 -13.74
CA TYR B 49 -4.94 25.96 -14.19
C TYR B 49 -4.94 25.64 -15.68
N ASN B 50 -4.30 26.52 -16.46
CA ASN B 50 -4.38 26.44 -17.94
C ASN B 50 -3.72 25.14 -18.43
N THR B 51 -2.61 24.69 -17.83
CA THR B 51 -1.91 23.45 -18.27
CA THR B 51 -1.90 23.45 -18.26
C THR B 51 -2.85 22.25 -18.07
N ILE B 52 -3.57 22.22 -16.96
CA ILE B 52 -4.51 21.10 -16.70
C ILE B 52 -5.70 21.22 -17.64
N LYS B 53 -6.25 22.42 -17.81
CA LYS B 53 -7.39 22.57 -18.73
C LYS B 53 -6.96 22.10 -20.13
N ASP B 54 -5.77 22.47 -20.60
CA ASP B 54 -5.30 22.11 -21.97
C ASP B 54 -5.12 20.59 -22.06
N LYS B 55 -4.60 19.95 -20.99
CA LYS B 55 -4.35 18.48 -20.99
C LYS B 55 -5.69 17.76 -21.12
N PHE B 56 -6.71 18.29 -20.44
CA PHE B 56 -8.11 17.79 -20.46
C PHE B 56 -8.74 18.05 -21.83
N THR B 57 -8.68 19.29 -22.33
CA THR B 57 -9.44 19.68 -23.54
CA THR B 57 -9.41 19.72 -23.55
C THR B 57 -8.83 19.04 -24.78
N ARG B 58 -7.57 18.60 -24.71
CA ARG B 58 -6.89 17.91 -25.83
C ARG B 58 -7.78 16.76 -26.34
N THR B 59 -8.49 16.05 -25.45
CA THR B 59 -9.38 14.92 -25.82
C THR B 59 -10.82 15.09 -25.32
N CYS B 60 -11.13 16.11 -24.49
CA CYS B 60 -12.49 16.34 -23.93
C CYS B 60 -13.07 17.72 -24.25
N SER B 61 -12.91 18.19 -25.47
CA SER B 61 -13.29 19.58 -25.85
C SER B 61 -14.82 19.77 -25.83
N SER B 62 -15.61 18.69 -25.81
CA SER B 62 -17.10 18.74 -25.79
C SER B 62 -17.66 18.93 -24.35
N TYR B 63 -16.84 18.72 -23.34
CA TYR B 63 -17.22 18.95 -21.92
C TYR B 63 -16.75 20.33 -21.49
N ALA B 64 -17.26 20.85 -20.39
CA ALA B 64 -16.85 22.15 -19.84
C ALA B 64 -16.45 22.01 -18.37
N ILE B 65 -15.32 22.59 -18.02
CA ILE B 65 -14.79 22.54 -16.64
C ILE B 65 -15.53 23.55 -15.75
N GLU B 66 -16.05 23.07 -14.62
CA GLU B 66 -16.61 23.91 -13.54
C GLU B 66 -15.45 24.48 -12.73
N LYS B 67 -14.57 23.62 -12.21
CA LYS B 67 -13.44 24.11 -11.38
C LYS B 67 -12.34 23.04 -11.34
N ILE B 68 -11.15 23.49 -11.00
CA ILE B 68 -9.98 22.60 -10.82
C ILE B 68 -9.42 22.90 -9.42
N GLU B 69 -9.27 21.86 -8.61
CA GLU B 69 -8.78 21.98 -7.24
C GLU B 69 -7.43 21.27 -7.13
N ARG B 70 -6.44 21.95 -6.54
CA ARG B 70 -5.16 21.32 -6.16
C ARG B 70 -5.36 20.56 -4.85
N ILE B 71 -4.99 19.28 -4.84
CA ILE B 71 -5.10 18.43 -3.62
C ILE B 71 -3.79 18.54 -2.86
N GLN B 72 -3.86 19.03 -1.63
CA GLN B 72 -2.70 19.15 -0.72
C GLN B 72 -2.93 18.16 0.43
N ASN B 73 -2.37 16.97 0.29
CA ASN B 73 -2.52 15.88 1.28
C ASN B 73 -1.12 15.53 1.75
N ALA B 74 -0.72 16.04 2.91
CA ALA B 74 0.67 15.93 3.38
C ALA B 74 1.07 14.46 3.48
N PHE B 75 0.23 13.63 4.11
CA PHE B 75 0.59 12.21 4.36
C PHE B 75 0.67 11.42 3.02
N LEU B 76 -0.30 11.59 2.12
CA LEU B 76 -0.22 10.87 0.83
C LEU B 76 1.03 11.33 0.06
N TRP B 77 1.34 12.63 0.11
CA TRP B 77 2.50 13.19 -0.62
C TRP B 77 3.77 12.55 -0.06
N GLN B 78 3.91 12.52 1.27
CA GLN B 78 5.13 11.96 1.91
CA GLN B 78 5.14 11.97 1.90
C GLN B 78 5.32 10.50 1.47
N SER B 79 4.28 9.70 1.55
CA SER B 79 4.36 8.25 1.23
C SER B 79 4.66 8.07 -0.26
N TYR B 80 4.04 8.87 -1.11
CA TYR B 80 4.30 8.80 -2.57
C TYR B 80 5.74 9.17 -2.87
N GLN B 81 6.22 10.25 -2.27
CA GLN B 81 7.59 10.77 -2.58
C GLN B 81 8.63 9.75 -2.13
N VAL B 82 8.37 9.04 -1.03
CA VAL B 82 9.29 7.94 -0.60
C VAL B 82 9.30 6.83 -1.67
N LYS B 83 8.15 6.44 -2.19
CA LYS B 83 8.08 5.38 -3.22
CA LYS B 83 8.10 5.36 -3.20
C LYS B 83 8.78 5.86 -4.49
N LYS B 84 8.62 7.15 -4.82
CA LYS B 84 9.24 7.68 -6.04
C LYS B 84 10.76 7.61 -5.90
N ARG B 85 11.29 8.04 -4.76
CA ARG B 85 12.76 8.04 -4.54
C ARG B 85 13.26 6.58 -4.65
N GLN B 86 12.53 5.65 -4.07
CA GLN B 86 12.90 4.21 -4.13
C GLN B 86 12.94 3.71 -5.58
N MET B 87 11.92 4.05 -6.35
CA MET B 87 11.83 3.59 -7.75
C MET B 87 12.91 4.26 -8.60
N ASP B 88 13.23 5.53 -8.32
CA ASP B 88 14.32 6.28 -9.02
C ASP B 88 15.66 5.60 -8.70
N ILE B 89 15.87 5.15 -7.47
CA ILE B 89 17.12 4.42 -7.08
C ILE B 89 17.16 3.08 -7.82
N LYS B 90 16.08 2.30 -7.74
CA LYS B 90 16.02 0.90 -8.25
C LYS B 90 16.22 0.88 -9.77
N ASN B 91 15.54 1.77 -10.49
CA ASN B 91 15.47 1.76 -11.97
C ASN B 91 16.70 2.47 -12.55
N ASP B 92 17.37 3.27 -11.74
CA ASP B 92 18.65 3.98 -12.04
C ASP B 92 18.43 4.91 -13.23
N HIS B 93 17.19 5.32 -13.39
CA HIS B 93 16.76 6.47 -14.21
CA HIS B 93 16.74 6.45 -14.24
C HIS B 93 15.59 7.13 -13.50
N LYS B 94 15.25 8.32 -13.99
CA LYS B 94 13.98 9.04 -13.74
C LYS B 94 13.04 8.53 -14.84
N ASN B 95 12.08 9.34 -15.29
CA ASN B 95 11.06 8.89 -16.25
C ASN B 95 10.24 7.75 -15.62
N ASN B 96 10.20 7.66 -14.29
CA ASN B 96 9.31 6.68 -13.61
C ASN B 96 7.88 7.23 -13.43
N GLU B 97 7.67 8.52 -13.59
CA GLU B 97 6.39 9.19 -13.24
C GLU B 97 5.68 9.71 -14.50
N ARG B 98 4.40 9.41 -14.63
CA ARG B 98 3.54 9.94 -15.70
C ARG B 98 2.38 10.68 -15.04
N LEU B 99 1.83 11.67 -15.71
CA LEU B 99 0.62 12.40 -15.27
C LEU B 99 -0.57 11.85 -16.05
N LEU B 100 -1.45 11.18 -15.33
CA LEU B 100 -2.56 10.38 -15.91
C LEU B 100 -3.89 10.85 -15.33
N PHE B 101 -4.99 10.31 -15.86
CA PHE B 101 -6.36 10.68 -15.45
C PHE B 101 -7.05 9.51 -14.78
N HIS B 102 -7.95 9.82 -13.86
CA HIS B 102 -8.79 8.79 -13.20
C HIS B 102 -10.17 9.34 -12.94
N GLY B 103 -11.15 8.82 -13.66
CA GLY B 103 -12.56 9.21 -13.48
C GLY B 103 -13.16 8.41 -12.35
N THR B 104 -13.95 9.02 -11.48
CA THR B 104 -14.62 8.26 -10.39
C THR B 104 -15.98 8.86 -10.08
N ASP B 105 -16.76 8.16 -9.24
CA ASP B 105 -18.09 8.62 -8.79
C ASP B 105 -17.92 9.62 -7.66
N ALA B 106 -18.91 10.51 -7.50
CA ALA B 106 -18.90 11.51 -6.40
C ALA B 106 -18.73 10.81 -5.07
N ASP B 107 -19.32 9.63 -4.86
CA ASP B 107 -19.33 8.97 -3.53
C ASP B 107 -17.87 8.63 -3.13
N SER B 108 -16.97 8.48 -4.10
CA SER B 108 -15.57 8.05 -3.89
C SER B 108 -14.65 9.26 -3.60
N VAL B 109 -15.06 10.45 -3.97
CA VAL B 109 -14.14 11.64 -3.99
C VAL B 109 -13.62 11.91 -2.57
N PRO B 110 -14.46 11.96 -1.50
CA PRO B 110 -13.92 12.17 -0.15
C PRO B 110 -12.84 11.15 0.24
N TYR B 111 -13.04 9.86 -0.06
CA TYR B 111 -12.07 8.80 0.28
C TYR B 111 -10.77 9.06 -0.49
N VAL B 112 -10.85 9.26 -1.81
CA VAL B 112 -9.61 9.43 -2.63
C VAL B 112 -8.84 10.65 -2.14
N ASN B 113 -9.53 11.76 -1.91
CA ASN B 113 -8.87 13.01 -1.45
C ASN B 113 -8.01 12.73 -0.20
N GLN B 114 -8.54 11.93 0.74
CA GLN B 114 -7.93 11.71 2.08
C GLN B 114 -6.95 10.52 2.01
N HIS B 115 -7.32 9.46 1.29
CA HIS B 115 -6.63 8.14 1.40
C HIS B 115 -6.04 7.64 0.08
N GLY B 116 -6.31 8.33 -1.02
CA GLY B 116 -5.77 7.95 -2.32
C GLY B 116 -6.49 6.75 -2.92
N PHE B 117 -5.80 6.02 -3.78
CA PHE B 117 -6.39 4.98 -4.65
C PHE B 117 -6.18 3.63 -4.02
N ASN B 118 -7.29 2.93 -3.82
CA ASN B 118 -7.31 1.64 -3.12
C ASN B 118 -7.72 0.55 -4.09
N ARG B 119 -6.81 -0.35 -4.46
CA ARG B 119 -7.11 -1.46 -5.41
C ARG B 119 -8.26 -2.33 -4.90
N SER B 120 -8.45 -2.41 -3.58
CA SER B 120 -9.49 -3.29 -3.00
C SER B 120 -10.90 -2.77 -3.33
N CYS B 121 -11.01 -1.51 -3.74
CA CYS B 121 -12.29 -0.81 -4.05
C CYS B 121 -12.50 -0.74 -5.58
N ALA B 122 -11.52 -1.14 -6.38
CA ALA B 122 -11.52 -0.97 -7.86
C ALA B 122 -12.56 -1.92 -8.50
N GLY B 123 -13.28 -1.43 -9.51
CA GLY B 123 -14.19 -2.25 -10.30
C GLY B 123 -13.42 -3.08 -11.31
N LYS B 124 -14.03 -4.13 -11.87
CA LYS B 124 -13.46 -4.88 -13.01
C LYS B 124 -13.52 -3.95 -14.23
N ASN B 125 -12.42 -3.78 -14.94
CA ASN B 125 -12.42 -2.95 -16.17
C ASN B 125 -13.07 -3.72 -17.31
N ALA B 126 -13.73 -3.04 -18.25
CA ALA B 126 -14.35 -3.67 -19.44
C ALA B 126 -13.29 -4.37 -20.28
N VAL B 127 -12.04 -3.88 -20.27
CA VAL B 127 -10.89 -4.67 -20.78
C VAL B 127 -9.88 -4.77 -19.64
N SER B 128 -9.81 -5.94 -19.01
CA SER B 128 -8.99 -6.09 -17.79
C SER B 128 -7.59 -6.52 -18.17
N TYR B 129 -6.61 -5.76 -17.67
CA TYR B 129 -5.16 -6.05 -17.73
C TYR B 129 -4.62 -6.30 -16.33
N GLY B 130 -5.52 -6.60 -15.39
CA GLY B 130 -5.16 -6.97 -14.02
C GLY B 130 -6.06 -6.32 -12.99
N LYS B 131 -5.99 -6.83 -11.75
CA LYS B 131 -6.82 -6.37 -10.63
C LYS B 131 -6.06 -5.27 -9.89
N GLY B 132 -6.20 -4.06 -10.36
CA GLY B 132 -5.53 -2.92 -9.74
C GLY B 132 -6.29 -1.64 -10.02
N THR B 133 -5.68 -0.51 -9.71
CA THR B 133 -6.27 0.82 -10.02
C THR B 133 -5.85 1.22 -11.43
N TYR B 134 -6.82 1.66 -12.25
CA TYR B 134 -6.60 2.02 -13.68
C TYR B 134 -6.45 3.53 -13.80
N PHE B 135 -5.54 3.94 -14.68
CA PHE B 135 -5.26 5.35 -15.00
C PHE B 135 -5.15 5.49 -16.50
N ALA B 136 -5.79 6.51 -17.03
CA ALA B 136 -5.83 6.75 -18.50
C ALA B 136 -4.80 7.79 -18.93
N VAL B 137 -4.23 7.58 -20.11
CA VAL B 137 -3.39 8.59 -20.80
C VAL B 137 -4.30 9.75 -21.26
N ASP B 138 -5.48 9.43 -21.81
CA ASP B 138 -6.40 10.43 -22.39
C ASP B 138 -7.57 10.68 -21.43
N ALA B 139 -7.87 11.96 -21.22
CA ALA B 139 -9.03 12.41 -20.42
C ALA B 139 -10.33 11.85 -21.03
N SER B 140 -10.42 11.72 -22.34
CA SER B 140 -11.62 11.17 -23.02
C SER B 140 -12.00 9.80 -22.43
N TYR B 141 -11.02 8.96 -22.08
CA TYR B 141 -11.29 7.60 -21.57
C TYR B 141 -11.93 7.74 -20.18
N SER B 142 -11.29 8.50 -19.31
CA SER B 142 -11.76 8.73 -17.93
C SER B 142 -13.10 9.49 -17.93
N ALA B 143 -13.42 10.22 -19.00
CA ALA B 143 -14.64 11.04 -19.11
C ALA B 143 -15.89 10.19 -19.40
N LYS B 144 -15.71 8.92 -19.74
CA LYS B 144 -16.86 7.99 -19.94
C LYS B 144 -17.72 7.94 -18.68
N ASP B 145 -19.04 7.85 -18.84
CA ASP B 145 -19.96 7.87 -17.68
C ASP B 145 -19.70 6.65 -16.82
N THR B 146 -19.16 5.56 -17.41
CA THR B 146 -18.78 4.32 -16.69
C THR B 146 -17.80 4.62 -15.56
N TYR B 147 -16.93 5.62 -15.72
CA TYR B 147 -15.87 5.98 -14.73
C TYR B 147 -16.26 7.23 -13.94
N SER B 148 -16.35 8.36 -14.63
CA SER B 148 -16.74 9.67 -14.03
C SER B 148 -18.27 9.79 -14.02
N LYS B 149 -18.91 8.99 -13.19
CA LYS B 149 -20.38 8.84 -13.19
C LYS B 149 -20.96 10.21 -12.87
N PRO B 150 -21.85 10.78 -13.71
CA PRO B 150 -22.48 12.05 -13.34
C PRO B 150 -23.26 11.93 -12.01
N ASP B 151 -23.10 12.91 -11.12
CA ASP B 151 -23.82 12.93 -9.83
C ASP B 151 -25.24 13.46 -10.06
N SER B 152 -26.01 13.60 -8.99
CA SER B 152 -27.43 14.02 -9.05
C SER B 152 -27.56 15.43 -9.66
N ASN B 153 -26.48 16.23 -9.74
CA ASN B 153 -26.49 17.61 -10.31
C ASN B 153 -25.76 17.66 -11.66
N GLY B 154 -25.46 16.49 -12.23
CA GLY B 154 -24.82 16.40 -13.56
C GLY B 154 -23.34 16.68 -13.49
N ARG B 155 -22.73 16.74 -12.31
CA ARG B 155 -21.26 16.95 -12.25
C ARG B 155 -20.53 15.61 -12.35
N LYS B 156 -19.48 15.62 -13.15
CA LYS B 156 -18.54 14.52 -13.35
C LYS B 156 -17.21 14.92 -12.69
N HIS B 157 -16.48 13.94 -12.20
CA HIS B 157 -15.24 14.17 -11.43
C HIS B 157 -14.11 13.30 -12.00
N MET B 158 -12.98 13.95 -12.23
CA MET B 158 -11.79 13.31 -12.80
C MET B 158 -10.57 13.83 -12.06
N TYR B 159 -9.74 12.92 -11.57
CA TYR B 159 -8.44 13.27 -10.97
C TYR B 159 -7.36 13.34 -12.05
N VAL B 160 -6.40 14.23 -11.83
CA VAL B 160 -5.10 14.27 -12.52
C VAL B 160 -4.11 13.76 -11.50
N VAL B 161 -3.37 12.73 -11.87
CA VAL B 161 -2.66 11.84 -10.90
C VAL B 161 -1.21 11.68 -11.32
N ARG B 162 -0.27 11.91 -10.39
CA ARG B 162 1.13 11.50 -10.60
C ARG B 162 1.19 10.00 -10.34
N VAL B 163 1.55 9.21 -11.33
CA VAL B 163 1.58 7.71 -11.25
C VAL B 163 3.01 7.22 -11.49
N LEU B 164 3.49 6.38 -10.58
CA LEU B 164 4.81 5.74 -10.76
C LEU B 164 4.67 4.52 -11.65
N THR B 165 4.62 4.75 -12.98
CA THR B 165 4.49 3.67 -13.96
C THR B 165 5.82 2.91 -14.08
N GLY B 166 6.96 3.56 -13.83
CA GLY B 166 8.25 2.87 -13.89
C GLY B 166 8.44 2.06 -15.17
N VAL B 167 8.94 0.85 -15.02
CA VAL B 167 9.16 -0.12 -16.11
C VAL B 167 7.92 -1.01 -16.19
N PHE B 168 7.30 -1.04 -17.36
CA PHE B 168 5.99 -1.69 -17.53
C PHE B 168 6.01 -2.68 -18.69
N THR B 169 5.03 -3.58 -18.67
CA THR B 169 4.79 -4.61 -19.68
C THR B 169 3.28 -4.72 -19.90
N LYS B 170 2.89 -5.47 -20.92
CA LYS B 170 1.46 -5.71 -21.19
C LYS B 170 0.91 -6.57 -20.06
N GLY B 171 -0.21 -6.13 -19.49
CA GLY B 171 -0.84 -6.85 -18.40
C GLY B 171 -1.69 -8.00 -18.88
N ARG B 172 -2.34 -8.65 -17.92
CA ARG B 172 -3.21 -9.84 -18.12
CA ARG B 172 -3.30 -9.75 -18.19
C ARG B 172 -4.27 -9.82 -17.02
N ALA B 173 -5.48 -10.26 -17.33
CA ALA B 173 -6.64 -10.20 -16.42
C ALA B 173 -6.34 -10.89 -15.09
N GLY B 174 -5.54 -11.94 -15.04
CA GLY B 174 -5.38 -12.66 -13.75
C GLY B 174 -4.51 -11.93 -12.71
N LEU B 175 -3.81 -10.85 -13.07
CA LEU B 175 -2.72 -10.30 -12.20
C LEU B 175 -3.29 -9.69 -10.93
N VAL B 176 -2.68 -9.96 -9.78
CA VAL B 176 -2.95 -9.21 -8.51
C VAL B 176 -1.74 -8.36 -8.12
N THR B 177 -0.59 -8.58 -8.76
CA THR B 177 0.65 -7.73 -8.70
C THR B 177 1.17 -7.61 -10.11
N PRO B 178 2.11 -6.70 -10.46
CA PRO B 178 2.71 -6.76 -11.78
C PRO B 178 3.48 -8.08 -11.86
N PRO B 179 3.68 -8.57 -13.09
CA PRO B 179 4.39 -9.82 -13.31
C PRO B 179 5.88 -9.64 -13.06
N PRO B 180 6.59 -10.76 -12.86
CA PRO B 180 8.05 -10.70 -12.78
C PRO B 180 8.65 -10.35 -14.14
N LYS B 181 9.82 -9.69 -14.11
CA LYS B 181 10.60 -9.45 -15.33
C LYS B 181 11.18 -10.74 -15.86
N ASN B 182 11.46 -11.68 -14.98
CA ASN B 182 12.17 -12.95 -15.29
C ASN B 182 11.48 -14.08 -14.53
N PRO B 183 10.97 -15.12 -15.21
CA PRO B 183 10.21 -16.19 -14.54
C PRO B 183 11.03 -16.93 -13.49
N HIS B 184 12.36 -16.91 -13.61
CA HIS B 184 13.25 -17.64 -12.67
C HIS B 184 13.57 -16.77 -11.44
N ASN B 185 13.08 -15.53 -11.40
CA ASN B 185 13.26 -14.61 -10.25
C ASN B 185 11.92 -13.95 -9.97
N PRO B 186 10.96 -14.72 -9.40
CA PRO B 186 9.58 -14.28 -9.37
C PRO B 186 9.31 -13.03 -8.52
N THR B 187 10.24 -12.59 -7.68
CA THR B 187 10.00 -11.42 -6.79
C THR B 187 10.50 -10.11 -7.40
N ASP B 188 11.18 -10.14 -8.55
CA ASP B 188 11.73 -8.89 -9.15
C ASP B 188 10.73 -8.43 -10.22
N LEU B 189 9.89 -7.46 -9.86
CA LEU B 189 8.62 -7.19 -10.57
C LEU B 189 8.77 -5.99 -11.51
N PHE B 190 7.98 -6.00 -12.58
CA PHE B 190 7.65 -4.74 -13.28
C PHE B 190 6.97 -3.78 -12.30
N ASP B 191 7.05 -2.47 -12.55
CA ASP B 191 6.41 -1.46 -11.68
C ASP B 191 4.89 -1.33 -11.93
N SER B 192 4.48 -1.52 -13.19
CA SER B 192 3.07 -1.36 -13.61
C SER B 192 2.82 -2.19 -14.86
N VAL B 193 1.59 -2.27 -15.28
CA VAL B 193 1.29 -2.88 -16.59
C VAL B 193 0.42 -1.92 -17.41
N THR B 194 0.36 -2.20 -18.70
CA THR B 194 -0.38 -1.36 -19.67
C THR B 194 -1.16 -2.27 -20.62
N ASN B 195 -1.98 -1.67 -21.46
CA ASN B 195 -2.73 -2.39 -22.51
C ASN B 195 -1.84 -2.71 -23.72
N ASN B 196 -0.84 -1.87 -23.98
CA ASN B 196 0.00 -1.92 -25.20
C ASN B 196 1.31 -1.16 -24.93
N THR B 197 2.46 -1.83 -24.96
CA THR B 197 3.76 -1.23 -24.56
C THR B 197 4.18 -0.19 -25.60
N ARG B 198 3.81 -0.40 -26.86
CA ARG B 198 4.20 0.46 -28.01
C ARG B 198 3.28 1.70 -28.06
N SER B 199 2.01 1.59 -27.69
CA SER B 199 1.06 2.73 -27.66
C SER B 199 0.20 2.65 -26.41
N PRO B 200 0.77 2.92 -25.22
CA PRO B 200 0.03 2.79 -23.97
C PRO B 200 -1.11 3.80 -23.90
N LYS B 201 -2.30 3.32 -23.52
CA LYS B 201 -3.48 4.18 -23.28
C LYS B 201 -3.98 4.06 -21.84
N LEU B 202 -3.57 3.01 -21.15
CA LEU B 202 -3.93 2.87 -19.71
C LEU B 202 -2.77 2.23 -18.98
N PHE B 203 -2.73 2.46 -17.68
CA PHE B 203 -1.76 1.81 -16.78
C PHE B 203 -2.53 1.31 -15.57
N VAL B 204 -2.10 0.16 -15.08
CA VAL B 204 -2.66 -0.44 -13.84
C VAL B 204 -1.53 -0.46 -12.81
N VAL B 205 -1.83 -0.03 -11.59
CA VAL B 205 -0.87 -0.14 -10.46
C VAL B 205 -1.52 -0.90 -9.33
N PHE B 206 -0.70 -1.65 -8.65
CA PHE B 206 -1.15 -2.73 -7.73
C PHE B 206 -0.73 -2.46 -6.28
N PHE B 207 -0.13 -1.31 -5.99
CA PHE B 207 0.37 -1.02 -4.63
C PHE B 207 -0.10 0.36 -4.17
N ASP B 208 -0.26 0.47 -2.86
CA ASP B 208 -0.63 1.74 -2.21
C ASP B 208 0.51 2.72 -2.43
N ASN B 209 0.16 3.99 -2.53
CA ASN B 209 1.16 5.10 -2.50
C ASN B 209 2.02 5.06 -3.78
N GLN B 210 1.51 4.45 -4.85
CA GLN B 210 2.16 4.49 -6.18
C GLN B 210 1.52 5.58 -7.04
N ALA B 211 0.49 6.24 -6.54
CA ALA B 211 -0.30 7.25 -7.28
C ALA B 211 -0.69 8.37 -6.32
N TYR B 212 -0.39 9.60 -6.65
CA TYR B 212 -0.74 10.79 -5.83
C TYR B 212 -1.82 11.58 -6.56
N PRO B 213 -3.02 11.74 -5.97
CA PRO B 213 -4.09 12.52 -6.60
C PRO B 213 -3.73 14.00 -6.46
N GLU B 214 -3.39 14.65 -7.58
CA GLU B 214 -2.80 16.00 -7.54
C GLU B 214 -3.86 17.08 -7.79
N TYR B 215 -4.78 16.84 -8.72
CA TYR B 215 -5.87 17.78 -9.03
C TYR B 215 -7.17 17.00 -9.17
N LEU B 216 -8.26 17.67 -8.80
CA LEU B 216 -9.63 17.20 -9.05
C LEU B 216 -10.28 18.17 -10.00
N ILE B 217 -10.67 17.67 -11.16
CA ILE B 217 -11.46 18.42 -12.15
C ILE B 217 -12.93 18.07 -11.95
N THR B 218 -13.75 19.09 -11.73
CA THR B 218 -15.22 18.95 -11.75
C THR B 218 -15.70 19.53 -13.07
N PHE B 219 -16.51 18.78 -13.81
CA PHE B 219 -16.89 19.17 -15.18
C PHE B 219 -18.31 18.68 -15.49
N THR B 220 -18.88 19.24 -16.55
CA THR B 220 -20.27 18.95 -16.95
C THR B 220 -20.31 18.85 -18.46
N ALA B 221 -21.38 18.29 -19.01
CA ALA B 221 -21.75 18.53 -20.42
C ALA B 221 -22.25 19.97 -20.54
#